data_4INZ
#
_entry.id   4INZ
#
_cell.length_a   63.829
_cell.length_b   77.651
_cell.length_c   120.034
_cell.angle_alpha   90.00
_cell.angle_beta   90.00
_cell.angle_gamma   90.00
#
_symmetry.space_group_name_H-M   'P 21 21 21'
#
loop_
_entity.id
_entity.type
_entity.pdbx_description
1 polymer 'Soluble epoxide hydrolase'
2 non-polymer 1,2-ETHANEDIOL
3 non-polymer DI(HYDROXYETHYL)ETHER
4 water water
#
_entity_poly.entity_id   1
_entity_poly.type   'polypeptide(L)'
_entity_poly.pdbx_seq_one_letter_code
;GSHMASMTGGQQMGRGSMSKQYINVNGVNLHYISKGQGELMLFLHGFPDFSHIWRHQIDEFSNDFHTVALDLRGYNLSEK
PSGLESYEIDVLVEDIRQVIEGLGYSSCTLVVHDWGAGIGWTFAYRYPEYVQKLIAFNGPHPYTFMRELRTNKNQQKASE
YAKWFQKQEVQDYMERDNFSGLRKLVIDPGVKKGYLTADDVQAYMNSWENGSVLSMLSYYRNLKIFTEEDLRRKSLFPLE
EEVLNIPVQIIWGNQDPTFMPENLDGIEEYVPNISVHRLAEASHAPQHEKPQEVNNVMWNFLNK
;
_entity_poly.pdbx_strand_id   A,B
#
loop_
_chem_comp.id
_chem_comp.type
_chem_comp.name
_chem_comp.formula
EDO non-polymer 1,2-ETHANEDIOL 'C2 H6 O2'
PEG non-polymer DI(HYDROXYETHYL)ETHER 'C4 H10 O3'
#
# COMPACT_ATOMS: atom_id res chain seq x y z
N SER A 19 10.81 -3.49 -10.08
CA SER A 19 10.36 -4.17 -8.87
C SER A 19 10.27 -3.19 -7.69
N LYS A 20 9.64 -3.64 -6.61
CA LYS A 20 9.51 -2.82 -5.40
C LYS A 20 10.04 -3.59 -4.21
N GLN A 21 11.06 -3.04 -3.56
CA GLN A 21 11.68 -3.70 -2.43
C GLN A 21 12.25 -2.71 -1.41
N TYR A 22 13.04 -3.24 -0.48
CA TYR A 22 13.50 -2.49 0.68
C TYR A 22 15.01 -2.44 0.82
N ILE A 23 15.48 -1.37 1.45
CA ILE A 23 16.88 -1.25 1.82
C ILE A 23 16.97 -0.73 3.26
N ASN A 24 17.77 -1.40 4.08
CA ASN A 24 17.91 -0.99 5.46
C ASN A 24 19.03 0.03 5.60
N VAL A 25 18.67 1.23 6.02
CA VAL A 25 19.64 2.30 6.19
C VAL A 25 19.34 3.11 7.43
N ASN A 26 20.38 3.50 8.15
CA ASN A 26 20.24 4.51 9.19
C ASN A 26 19.13 4.19 10.18
N GLY A 27 18.97 2.90 10.49
CA GLY A 27 18.05 2.46 11.52
C GLY A 27 16.61 2.29 11.08
N VAL A 28 16.36 2.44 9.78
CA VAL A 28 15.01 2.29 9.24
C VAL A 28 15.01 1.46 7.95
N ASN A 29 13.86 0.88 7.63
CA ASN A 29 13.67 0.20 6.36
C ASN A 29 12.97 1.14 5.39
N LEU A 30 13.66 1.50 4.31
CA LEU A 30 13.07 2.36 3.29
C LEU A 30 12.65 1.57 2.07
N HIS A 31 11.45 1.83 1.58
CA HIS A 31 10.94 1.20 0.37
C HIS A 31 11.35 2.01 -0.87
N TYR A 32 11.59 1.33 -1.99
CA TYR A 32 11.94 2.05 -3.22
C TYR A 32 11.50 1.30 -4.46
N ILE A 33 11.33 2.04 -5.56
CA ILE A 33 11.08 1.46 -6.88
C ILE A 33 12.40 1.41 -7.62
N SER A 34 12.64 0.31 -8.33
CA SER A 34 13.89 0.12 -9.04
C SER A 34 13.63 -0.40 -10.45
N LYS A 35 14.34 0.15 -11.43
CA LYS A 35 14.27 -0.32 -12.81
C LYS A 35 15.57 0.01 -13.54
N GLY A 36 15.90 -0.76 -14.57
CA GLY A 36 17.07 -0.47 -15.37
C GLY A 36 18.40 -0.93 -14.80
N GLN A 37 19.47 -0.36 -15.32
CA GLN A 37 20.83 -0.81 -15.01
C GLN A 37 21.81 0.26 -15.45
N GLY A 38 23.00 0.25 -14.87
CA GLY A 38 24.01 1.24 -15.18
C GLY A 38 24.29 2.17 -14.01
N GLU A 39 24.69 3.40 -14.32
CA GLU A 39 24.90 4.43 -13.31
C GLU A 39 23.60 4.71 -12.58
N LEU A 40 23.69 5.07 -11.30
CA LEU A 40 22.52 5.31 -10.49
C LEU A 40 21.92 6.70 -10.73
N MET A 41 20.62 6.71 -11.04
CA MET A 41 19.83 7.93 -11.04
C MET A 41 18.82 7.80 -9.91
N LEU A 42 19.04 8.55 -8.84
CA LEU A 42 18.24 8.44 -7.63
C LEU A 42 17.28 9.62 -7.52
N PHE A 43 15.99 9.32 -7.41
CA PHE A 43 14.93 10.34 -7.39
C PHE A 43 14.37 10.49 -5.99
N LEU A 44 14.25 11.74 -5.54
CA LEU A 44 13.68 12.05 -4.21
C LEU A 44 12.47 12.96 -4.35
N HIS A 45 11.31 12.42 -3.96
CA HIS A 45 10.06 13.16 -3.99
C HIS A 45 9.95 14.07 -2.78
N GLY A 46 8.82 14.79 -2.71
CA GLY A 46 8.51 15.65 -1.57
C GLY A 46 7.08 15.44 -1.10
N PHE A 47 6.50 16.46 -0.49
CA PHE A 47 5.20 16.35 0.15
C PHE A 47 4.07 16.79 -0.77
N PRO A 48 2.97 16.01 -0.81
CA PRO A 48 2.68 14.74 -0.14
C PRO A 48 2.72 13.59 -1.12
N ASP A 49 3.74 13.58 -1.98
CA ASP A 49 3.86 12.55 -3.00
C ASP A 49 4.63 11.35 -2.48
N PHE A 50 5.25 10.63 -3.40
CA PHE A 50 6.06 9.46 -3.07
C PHE A 50 6.74 8.99 -4.36
N SER A 51 7.36 7.82 -4.34
CA SER A 51 8.15 7.37 -5.47
C SER A 51 7.40 7.42 -6.80
N HIS A 52 6.10 7.18 -6.76
CA HIS A 52 5.29 7.09 -7.98
C HIS A 52 5.30 8.39 -8.79
N ILE A 53 5.60 9.53 -8.16
CA ILE A 53 5.56 10.79 -8.91
C ILE A 53 6.59 10.78 -10.06
N TRP A 54 7.59 9.92 -9.94
CA TRP A 54 8.68 9.86 -10.90
C TRP A 54 8.47 8.85 -12.02
N ARG A 55 7.28 8.25 -12.06
CA ARG A 55 7.00 7.15 -12.98
C ARG A 55 7.45 7.39 -14.43
N HIS A 56 7.24 8.61 -14.94
CA HIS A 56 7.56 8.89 -16.34
C HIS A 56 9.06 8.97 -16.59
N GLN A 57 9.81 9.40 -15.58
CA GLN A 57 11.26 9.43 -15.69
C GLN A 57 11.86 8.05 -15.47
N ILE A 58 11.25 7.27 -14.58
CA ILE A 58 11.66 5.87 -14.41
C ILE A 58 11.53 5.14 -15.74
N ASP A 59 10.40 5.31 -16.41
CA ASP A 59 10.19 4.62 -17.69
C ASP A 59 11.17 5.10 -18.78
N GLU A 60 11.45 6.39 -18.78
CA GLU A 60 12.26 6.95 -19.85
C GLU A 60 13.74 6.67 -19.69
N PHE A 61 14.23 6.77 -18.46
CA PHE A 61 15.68 6.69 -18.23
C PHE A 61 16.20 5.32 -17.81
N SER A 62 15.30 4.35 -17.65
CA SER A 62 15.70 3.01 -17.21
C SER A 62 16.38 2.16 -18.28
N ASN A 63 16.41 2.62 -19.52
CA ASN A 63 17.14 1.91 -20.56
C ASN A 63 18.61 2.28 -20.56
N ASP A 64 18.96 3.37 -19.88
CA ASP A 64 20.32 3.86 -19.89
C ASP A 64 20.90 4.04 -18.49
N PHE A 65 20.03 4.03 -17.49
CA PHE A 65 20.42 4.25 -16.10
C PHE A 65 19.74 3.23 -15.18
N HIS A 66 20.32 3.01 -14.01
CA HIS A 66 19.61 2.31 -12.94
C HIS A 66 18.78 3.36 -12.22
N THR A 67 17.49 3.41 -12.54
CA THR A 67 16.61 4.41 -11.96
C THR A 67 16.02 3.91 -10.66
N VAL A 68 16.28 4.62 -9.57
CA VAL A 68 15.74 4.28 -8.25
C VAL A 68 14.97 5.46 -7.68
N ALA A 69 13.70 5.24 -7.36
CA ALA A 69 12.90 6.27 -6.71
C ALA A 69 12.59 5.86 -5.28
N LEU A 70 13.10 6.64 -4.32
CA LEU A 70 12.98 6.31 -2.90
C LEU A 70 11.66 6.82 -2.31
N ASP A 71 11.05 6.03 -1.43
CA ASP A 71 10.02 6.56 -0.55
C ASP A 71 10.71 7.07 0.72
N LEU A 72 10.67 8.38 0.94
CA LEU A 72 11.31 8.97 2.12
C LEU A 72 10.73 8.37 3.41
N ARG A 73 11.51 8.41 4.48
CA ARG A 73 11.02 7.86 5.75
C ARG A 73 9.68 8.51 6.10
N GLY A 74 8.75 7.69 6.58
CA GLY A 74 7.43 8.17 6.92
C GLY A 74 6.42 8.05 5.79
N TYR A 75 6.91 7.91 4.55
CA TYR A 75 6.05 7.87 3.37
C TYR A 75 5.75 6.48 2.83
N ASN A 76 4.52 6.28 2.37
CA ASN A 76 4.11 5.05 1.70
C ASN A 76 4.54 3.82 2.50
N LEU A 77 5.34 2.95 1.89
CA LEU A 77 5.73 1.70 2.55
C LEU A 77 7.00 1.80 3.38
N SER A 78 7.63 2.97 3.38
CA SER A 78 8.83 3.15 4.19
C SER A 78 8.48 3.20 5.67
N GLU A 79 9.44 2.82 6.51
CA GLU A 79 9.25 2.83 7.95
C GLU A 79 8.82 4.21 8.44
N LYS A 80 8.04 4.22 9.53
CA LYS A 80 7.52 5.44 10.10
C LYS A 80 7.93 5.59 11.57
N PRO A 81 9.21 5.93 11.81
CA PRO A 81 9.72 6.02 13.18
C PRO A 81 8.99 7.11 13.97
N SER A 82 8.94 6.95 15.30
CA SER A 82 8.28 7.91 16.18
C SER A 82 9.19 9.08 16.49
N GLY A 83 8.58 10.23 16.80
CA GLY A 83 9.30 11.38 17.31
C GLY A 83 9.81 12.34 16.24
N LEU A 84 9.82 13.63 16.58
CA LEU A 84 10.25 14.66 15.65
C LEU A 84 11.72 14.50 15.27
N GLU A 85 12.53 14.06 16.21
CA GLU A 85 13.96 13.95 15.99
C GLU A 85 14.29 12.99 14.86
N SER A 86 13.37 12.08 14.57
CA SER A 86 13.57 11.09 13.51
C SER A 86 13.43 11.70 12.12
N TYR A 87 13.04 12.97 12.05
CA TYR A 87 12.77 13.62 10.76
C TYR A 87 13.57 14.92 10.60
N GLU A 88 14.64 15.04 11.37
CA GLU A 88 15.56 16.17 11.26
C GLU A 88 16.47 16.03 10.06
N ILE A 89 16.91 17.17 9.53
CA ILE A 89 17.70 17.20 8.29
C ILE A 89 18.94 16.28 8.31
N ASP A 90 19.67 16.24 9.43
CA ASP A 90 20.87 15.41 9.47
C ASP A 90 20.52 13.93 9.28
N VAL A 91 19.37 13.53 9.82
CA VAL A 91 18.92 12.15 9.69
C VAL A 91 18.55 11.84 8.24
N LEU A 92 17.79 12.76 7.64
CA LEU A 92 17.37 12.60 6.25
C LEU A 92 18.55 12.56 5.30
N VAL A 93 19.55 13.41 5.56
CA VAL A 93 20.75 13.44 4.73
C VAL A 93 21.54 12.13 4.83
N GLU A 94 21.59 11.55 6.03
CA GLU A 94 22.27 10.28 6.22
C GLU A 94 21.52 9.14 5.53
N ASP A 95 20.20 9.23 5.52
CA ASP A 95 19.41 8.25 4.76
C ASP A 95 19.93 8.20 3.34
N ILE A 96 20.08 9.37 2.73
CA ILE A 96 20.45 9.44 1.33
C ILE A 96 21.86 8.91 1.12
N ARG A 97 22.77 9.24 2.03
CA ARG A 97 24.14 8.74 1.93
C ARG A 97 24.18 7.21 1.94
N GLN A 98 23.44 6.61 2.87
CA GLN A 98 23.45 5.16 3.03
C GLN A 98 22.70 4.44 1.90
N VAL A 99 21.69 5.09 1.34
CA VAL A 99 20.97 4.50 0.22
C VAL A 99 21.89 4.34 -0.99
N ILE A 100 22.64 5.39 -1.30
CA ILE A 100 23.57 5.36 -2.43
C ILE A 100 24.60 4.25 -2.26
N GLU A 101 25.18 4.17 -1.06
CA GLU A 101 26.15 3.12 -0.78
C GLU A 101 25.50 1.74 -0.69
N GLY A 102 24.30 1.70 -0.10
CA GLY A 102 23.59 0.44 0.07
C GLY A 102 23.27 -0.21 -1.26
N LEU A 103 22.99 0.63 -2.26
CA LEU A 103 22.67 0.15 -3.60
C LEU A 103 23.91 -0.27 -4.37
N GLY A 104 25.08 0.03 -3.82
CA GLY A 104 26.33 -0.41 -4.39
C GLY A 104 27.10 0.66 -5.14
N TYR A 105 26.73 1.92 -4.92
CA TYR A 105 27.33 3.04 -5.65
C TYR A 105 28.15 3.97 -4.75
N SER A 106 29.08 4.72 -5.38
CA SER A 106 29.83 5.75 -4.68
C SER A 106 29.37 7.14 -5.11
N SER A 107 28.53 7.20 -6.14
CA SER A 107 27.93 8.46 -6.55
C SER A 107 26.74 8.21 -7.45
N CYS A 108 26.00 9.26 -7.76
CA CYS A 108 24.79 9.13 -8.55
C CYS A 108 24.45 10.44 -9.25
N THR A 109 23.49 10.37 -10.16
CA THR A 109 22.79 11.55 -10.64
C THR A 109 21.61 11.67 -9.71
N LEU A 110 21.49 12.82 -9.03
CA LEU A 110 20.44 13.02 -8.03
C LEU A 110 19.33 13.92 -8.58
N VAL A 111 18.09 13.43 -8.54
CA VAL A 111 16.95 14.14 -9.12
C VAL A 111 15.94 14.42 -8.01
N VAL A 112 15.59 15.68 -7.80
CA VAL A 112 14.93 16.05 -6.55
C VAL A 112 13.79 17.05 -6.72
N HIS A 113 12.84 17.04 -5.79
CA HIS A 113 11.63 17.85 -5.87
C HIS A 113 11.12 18.15 -4.46
N ASP A 114 10.74 19.40 -4.20
CA ASP A 114 10.02 19.79 -2.98
C ASP A 114 10.87 19.44 -1.73
N TRP A 115 10.31 18.70 -0.77
CA TRP A 115 11.12 18.27 0.39
C TRP A 115 12.35 17.50 -0.07
N GLY A 116 12.19 16.71 -1.13
CA GLY A 116 13.31 15.98 -1.70
C GLY A 116 14.43 16.91 -2.16
N ALA A 117 14.04 18.10 -2.62
CA ALA A 117 15.00 19.11 -3.04
C ALA A 117 15.67 19.79 -1.83
N GLY A 118 14.88 20.11 -0.80
CA GLY A 118 15.46 20.61 0.44
C GLY A 118 16.55 19.67 0.93
N ILE A 119 16.24 18.38 0.94
CA ILE A 119 17.17 17.36 1.39
C ILE A 119 18.33 17.21 0.41
N GLY A 120 17.99 17.11 -0.87
CA GLY A 120 18.96 16.84 -1.92
C GLY A 120 19.99 17.95 -2.13
N TRP A 121 19.54 19.21 -2.12
CA TRP A 121 20.48 20.33 -2.20
C TRP A 121 21.44 20.24 -1.04
N THR A 122 20.90 20.04 0.16
CA THR A 122 21.72 19.95 1.36
C THR A 122 22.73 18.81 1.24
N PHE A 123 22.27 17.66 0.77
CA PHE A 123 23.13 16.51 0.57
C PHE A 123 24.24 16.80 -0.43
N ALA A 124 23.89 17.45 -1.55
CA ALA A 124 24.88 17.77 -2.58
C ALA A 124 25.95 18.72 -2.05
N TYR A 125 25.54 19.67 -1.23
CA TYR A 125 26.48 20.63 -0.64
C TYR A 125 27.43 19.95 0.34
N ARG A 126 26.90 19.03 1.13
CA ARG A 126 27.70 18.38 2.17
C ARG A 126 28.50 17.21 1.61
N TYR A 127 27.95 16.52 0.62
CA TYR A 127 28.60 15.35 0.04
C TYR A 127 28.68 15.46 -1.48
N PRO A 128 29.30 16.52 -1.98
CA PRO A 128 29.34 16.72 -3.44
C PRO A 128 29.99 15.56 -4.18
N GLU A 129 30.82 14.79 -3.50
CA GLU A 129 31.50 13.66 -4.15
C GLU A 129 30.54 12.50 -4.42
N TYR A 130 29.37 12.54 -3.79
CA TYR A 130 28.37 11.50 -3.99
C TYR A 130 27.42 11.87 -5.14
N VAL A 131 27.55 13.10 -5.65
CA VAL A 131 26.63 13.60 -6.66
C VAL A 131 27.33 14.01 -7.96
N GLN A 132 27.22 13.16 -8.98
CA GLN A 132 27.82 13.46 -10.28
C GLN A 132 27.17 14.69 -10.90
N LYS A 133 25.84 14.70 -10.90
CA LYS A 133 25.06 15.80 -11.42
C LYS A 133 23.78 15.89 -10.61
N LEU A 134 23.24 17.10 -10.49
CA LEU A 134 22.01 17.33 -9.76
C LEU A 134 20.94 17.90 -10.68
N ILE A 135 19.76 17.30 -10.64
CA ILE A 135 18.62 17.83 -11.38
C ILE A 135 17.55 18.19 -10.36
N ALA A 136 17.26 19.47 -10.24
CA ALA A 136 16.34 19.95 -9.22
C ALA A 136 15.08 20.56 -9.82
N PHE A 137 13.92 20.09 -9.35
CA PHE A 137 12.62 20.66 -9.71
C PHE A 137 12.17 21.65 -8.63
N ASN A 138 10.96 22.17 -8.77
CA ASN A 138 10.44 23.14 -7.79
C ASN A 138 10.72 22.75 -6.35
N GLY A 139 11.33 23.65 -5.59
CA GLY A 139 11.69 23.38 -4.22
C GLY A 139 12.76 24.37 -3.80
N PRO A 140 13.16 24.35 -2.52
CA PRO A 140 14.03 25.42 -2.03
C PRO A 140 15.52 25.17 -2.23
N HIS A 141 16.21 26.12 -2.90
CA HIS A 141 17.66 26.16 -2.84
C HIS A 141 18.04 26.67 -1.46
N PRO A 142 19.03 26.05 -0.81
CA PRO A 142 19.34 26.40 0.58
C PRO A 142 19.51 27.90 0.83
N TYR A 143 20.11 28.62 -0.10
CA TYR A 143 20.43 30.02 0.15
C TYR A 143 19.40 31.00 -0.41
N THR A 144 18.99 30.82 -1.66
CA THR A 144 18.02 31.73 -2.24
C THR A 144 16.67 31.65 -1.53
N PHE A 145 16.32 30.47 -1.00
CA PHE A 145 15.03 30.35 -0.33
C PHE A 145 14.95 31.22 0.92
N MET A 146 16.02 31.24 1.72
CA MET A 146 16.05 32.10 2.89
C MET A 146 15.99 33.57 2.47
N ARG A 147 16.68 33.90 1.39
CA ARG A 147 16.64 35.26 0.86
C ARG A 147 15.20 35.69 0.55
N GLU A 148 14.44 34.80 -0.09
CA GLU A 148 13.07 35.13 -0.46
C GLU A 148 12.12 35.16 0.73
N LEU A 149 12.32 34.25 1.69
CA LEU A 149 11.53 34.28 2.92
C LEU A 149 11.71 35.59 3.66
N ARG A 150 12.92 36.15 3.59
CA ARG A 150 13.22 37.39 4.28
C ARG A 150 12.58 38.62 3.64
N THR A 151 12.52 38.65 2.33
CA THR A 151 12.20 39.90 1.63
C THR A 151 11.02 39.83 0.67
N ASN A 152 10.69 38.63 0.20
CA ASN A 152 9.68 38.48 -0.83
C ASN A 152 8.30 38.28 -0.23
N LYS A 153 7.46 39.31 -0.31
CA LYS A 153 6.13 39.23 0.27
C LYS A 153 5.29 38.10 -0.32
N ASN A 154 5.44 37.86 -1.62
CA ASN A 154 4.72 36.78 -2.28
C ASN A 154 5.15 35.42 -1.75
N GLN A 155 6.45 35.25 -1.48
CA GLN A 155 6.94 33.99 -0.97
C GLN A 155 6.51 33.78 0.48
N GLN A 156 6.48 34.88 1.23
CA GLN A 156 6.02 34.82 2.61
C GLN A 156 4.58 34.31 2.69
N LYS A 157 3.72 34.84 1.82
CA LYS A 157 2.34 34.40 1.76
C LYS A 157 2.26 32.96 1.28
N ALA A 158 3.01 32.65 0.22
CA ALA A 158 3.01 31.31 -0.36
C ALA A 158 3.41 30.26 0.67
N SER A 159 4.28 30.63 1.60
CA SER A 159 4.86 29.66 2.54
C SER A 159 4.12 29.62 3.88
N GLU A 160 3.04 30.39 4.00
CA GLU A 160 2.30 30.49 5.25
C GLU A 160 1.80 29.13 5.75
N TYR A 161 1.60 28.21 4.81
CA TYR A 161 1.09 26.89 5.17
C TYR A 161 2.08 26.15 6.07
N ALA A 162 3.36 26.46 5.94
CA ALA A 162 4.38 25.80 6.77
C ALA A 162 4.20 26.14 8.25
N LYS A 163 3.79 27.38 8.52
CA LYS A 163 3.46 27.78 9.88
C LYS A 163 2.20 27.05 10.33
N TRP A 164 1.20 27.00 9.45
CA TRP A 164 -0.04 26.30 9.76
C TRP A 164 0.21 24.82 10.05
N PHE A 165 1.15 24.23 9.31
CA PHE A 165 1.47 22.81 9.51
C PHE A 165 2.00 22.51 10.91
N GLN A 166 2.32 23.55 11.66
CA GLN A 166 2.79 23.37 13.03
C GLN A 166 1.61 23.03 13.95
N LYS A 167 0.40 23.40 13.51
CA LYS A 167 -0.80 23.23 14.34
C LYS A 167 -1.30 21.80 14.37
N GLN A 168 -1.87 21.39 15.50
CA GLN A 168 -2.35 20.02 15.65
C GLN A 168 -3.53 19.68 14.75
N GLU A 169 -4.30 20.69 14.35
CA GLU A 169 -5.50 20.43 13.55
C GLU A 169 -5.17 19.91 12.15
N VAL A 170 -3.94 20.13 11.69
CA VAL A 170 -3.61 19.85 10.29
C VAL A 170 -3.65 18.36 9.95
N GLN A 171 -3.23 17.50 10.88
CA GLN A 171 -3.28 16.07 10.59
C GLN A 171 -4.71 15.64 10.26
N ASP A 172 -5.66 16.01 11.10
CA ASP A 172 -7.05 15.68 10.85
C ASP A 172 -7.52 16.29 9.51
N TYR A 173 -7.09 17.51 9.23
CA TYR A 173 -7.46 18.14 7.97
C TYR A 173 -6.99 17.29 6.80
N MET A 174 -5.80 16.74 6.91
CA MET A 174 -5.23 15.96 5.81
CA MET A 174 -5.21 15.95 5.83
C MET A 174 -5.84 14.57 5.71
N GLU A 175 -6.11 13.94 6.85
CA GLU A 175 -6.56 12.55 6.89
C GLU A 175 -8.07 12.34 6.80
N ARG A 176 -8.84 13.27 7.35
CA ARG A 176 -10.28 13.05 7.53
C ARG A 176 -10.99 12.76 6.19
N ASP A 177 -12.05 11.97 6.26
CA ASP A 177 -12.88 11.67 5.10
CA ASP A 177 -12.88 11.70 5.09
C ASP A 177 -12.06 11.21 3.90
N ASN A 178 -11.40 10.07 4.07
CA ASN A 178 -10.64 9.49 2.97
C ASN A 178 -9.54 10.44 2.47
N PHE A 179 -8.80 11.02 3.42
CA PHE A 179 -7.70 11.91 3.09
C PHE A 179 -8.13 13.11 2.24
N SER A 180 -9.23 13.74 2.62
CA SER A 180 -9.82 14.81 1.84
C SER A 180 -8.86 15.97 1.62
N GLY A 181 -8.10 16.33 2.66
CA GLY A 181 -7.16 17.43 2.54
C GLY A 181 -6.09 17.17 1.50
N LEU A 182 -5.60 15.94 1.47
CA LEU A 182 -4.58 15.56 0.50
C LEU A 182 -5.16 15.41 -0.91
N ARG A 183 -6.39 14.90 -0.98
CA ARG A 183 -7.08 14.77 -2.26
C ARG A 183 -7.26 16.13 -2.93
N LYS A 184 -7.64 17.13 -2.14
CA LYS A 184 -7.89 18.45 -2.69
C LYS A 184 -6.58 19.08 -3.13
N LEU A 185 -5.51 18.75 -2.40
CA LEU A 185 -4.20 19.32 -2.68
C LEU A 185 -3.60 18.78 -3.98
N VAL A 186 -3.65 17.46 -4.15
CA VAL A 186 -2.94 16.81 -5.26
C VAL A 186 -3.84 16.09 -6.27
N ILE A 187 -4.87 15.40 -5.77
CA ILE A 187 -5.69 14.56 -6.65
C ILE A 187 -6.61 15.38 -7.54
N ASP A 188 -7.39 16.26 -6.93
CA ASP A 188 -8.38 17.01 -7.69
C ASP A 188 -7.78 17.77 -8.89
N PRO A 189 -6.69 18.52 -8.68
CA PRO A 189 -6.11 19.21 -9.84
C PRO A 189 -5.47 18.28 -10.88
N GLY A 190 -4.86 17.19 -10.45
CA GLY A 190 -4.24 16.26 -11.37
C GLY A 190 -5.25 15.53 -12.24
N VAL A 191 -6.39 15.18 -11.65
CA VAL A 191 -7.47 14.56 -12.40
C VAL A 191 -8.10 15.57 -13.36
N LYS A 192 -8.37 16.76 -12.86
CA LYS A 192 -8.99 17.79 -13.70
C LYS A 192 -8.11 18.13 -14.89
N LYS A 193 -6.81 18.28 -14.65
CA LYS A 193 -5.89 18.69 -15.71
C LYS A 193 -5.45 17.53 -16.59
N GLY A 194 -5.71 16.31 -16.13
CA GLY A 194 -5.48 15.12 -16.92
C GLY A 194 -4.13 14.45 -16.79
N TYR A 195 -3.34 14.82 -15.79
CA TYR A 195 -2.03 14.17 -15.63
C TYR A 195 -2.01 13.06 -14.58
N LEU A 196 -3.14 12.84 -13.92
CA LEU A 196 -3.35 11.65 -13.08
C LEU A 196 -4.44 10.76 -13.65
N THR A 197 -4.10 9.51 -13.95
CA THR A 197 -5.08 8.53 -14.39
C THR A 197 -5.77 7.94 -13.16
N ALA A 198 -6.83 7.17 -13.38
CA ALA A 198 -7.53 6.49 -12.29
C ALA A 198 -6.56 5.62 -11.50
N ASP A 199 -5.69 4.92 -12.21
CA ASP A 199 -4.70 4.08 -11.53
C ASP A 199 -3.72 4.92 -10.74
N ASP A 200 -3.37 6.10 -11.25
CA ASP A 200 -2.48 6.98 -10.49
C ASP A 200 -3.15 7.41 -9.19
N VAL A 201 -4.44 7.73 -9.28
CA VAL A 201 -5.21 8.16 -8.12
C VAL A 201 -5.21 7.04 -7.07
N GLN A 202 -5.44 5.82 -7.52
CA GLN A 202 -5.43 4.66 -6.62
C GLN A 202 -4.07 4.48 -5.95
N ALA A 203 -3.01 4.68 -6.72
CA ALA A 203 -1.67 4.55 -6.18
C ALA A 203 -1.42 5.59 -5.09
N TYR A 204 -1.85 6.82 -5.34
CA TYR A 204 -1.72 7.87 -4.34
C TYR A 204 -2.53 7.54 -3.09
N MET A 205 -3.77 7.09 -3.27
CA MET A 205 -4.60 6.76 -2.12
C MET A 205 -3.95 5.66 -1.30
N ASN A 206 -3.46 4.62 -1.98
CA ASN A 206 -2.72 3.57 -1.28
C ASN A 206 -1.53 4.13 -0.49
N SER A 207 -0.82 5.08 -1.10
CA SER A 207 0.37 5.62 -0.45
C SER A 207 0.01 6.32 0.85
N TRP A 208 -1.13 6.99 0.87
CA TRP A 208 -1.56 7.71 2.07
C TRP A 208 -2.09 6.75 3.14
N GLU A 209 -2.76 5.69 2.71
CA GLU A 209 -3.22 4.65 3.63
C GLU A 209 -2.05 3.95 4.28
N ASN A 210 -1.00 3.71 3.49
CA ASN A 210 0.18 2.99 3.97
C ASN A 210 1.16 3.87 4.73
N GLY A 211 1.23 5.13 4.36
CA GLY A 211 2.16 6.08 4.96
C GLY A 211 1.60 6.66 6.24
N SER A 212 2.30 7.67 6.77
CA SER A 212 1.88 8.34 7.99
C SER A 212 1.84 9.85 7.80
N VAL A 213 0.65 10.42 7.88
CA VAL A 213 0.52 11.87 7.78
C VAL A 213 1.29 12.55 8.91
N LEU A 214 1.27 11.94 10.09
CA LEU A 214 2.04 12.48 11.21
C LEU A 214 3.52 12.61 10.83
N SER A 215 4.07 11.52 10.30
CA SER A 215 5.45 11.52 9.84
C SER A 215 5.71 12.60 8.80
N MET A 216 4.81 12.70 7.82
CA MET A 216 4.98 13.68 6.76
CA MET A 216 4.93 13.71 6.76
C MET A 216 5.04 15.10 7.34
N LEU A 217 4.12 15.42 8.24
CA LEU A 217 4.08 16.74 8.86
C LEU A 217 5.29 16.99 9.77
N SER A 218 5.83 15.92 10.33
CA SER A 218 6.97 16.01 11.24
C SER A 218 8.19 16.69 10.59
N TYR A 219 8.38 16.45 9.29
CA TYR A 219 9.43 17.14 8.55
C TYR A 219 9.32 18.65 8.76
N TYR A 220 8.11 19.18 8.59
CA TYR A 220 7.87 20.62 8.67
C TYR A 220 8.06 21.16 10.08
N ARG A 221 7.83 20.30 11.06
CA ARG A 221 7.84 20.75 12.45
C ARG A 221 9.25 20.88 13.03
N ASN A 222 10.25 20.59 12.20
CA ASN A 222 11.65 20.83 12.54
C ASN A 222 12.22 22.04 11.82
N LEU A 223 11.46 22.63 10.91
CA LEU A 223 11.94 23.78 10.16
C LEU A 223 12.26 24.97 11.07
N LYS A 224 13.37 25.64 10.78
CA LYS A 224 13.78 26.80 11.55
C LYS A 224 13.68 28.04 10.69
N ILE A 225 12.45 28.46 10.43
CA ILE A 225 12.20 29.58 9.53
C ILE A 225 11.12 30.50 10.08
N PHE A 226 10.95 30.48 11.40
CA PHE A 226 9.85 31.20 12.01
C PHE A 226 10.27 32.38 12.89
N THR A 227 11.33 32.21 13.68
CA THR A 227 11.82 33.29 14.53
C THR A 227 12.71 34.28 13.78
N GLU A 228 12.89 35.46 14.35
CA GLU A 228 13.75 36.48 13.76
C GLU A 228 15.15 35.94 13.56
N GLU A 229 15.73 35.37 14.61
CA GLU A 229 17.09 34.84 14.54
C GLU A 229 17.22 33.74 13.49
N ASP A 230 16.19 32.92 13.35
CA ASP A 230 16.23 31.83 12.38
C ASP A 230 16.10 32.33 10.94
N LEU A 231 15.26 33.35 10.73
CA LEU A 231 15.09 33.93 9.41
C LEU A 231 16.35 34.63 8.92
N ARG A 232 17.26 34.93 9.85
CA ARG A 232 18.51 35.60 9.49
C ARG A 232 19.57 34.61 9.00
N ARG A 233 19.31 33.31 9.16
CA ARG A 233 20.27 32.30 8.75
C ARG A 233 20.48 32.37 7.24
N LYS A 234 21.72 32.15 6.80
CA LYS A 234 22.05 32.22 5.38
C LYS A 234 21.48 31.05 4.58
N SER A 235 21.35 29.89 5.21
CA SER A 235 20.83 28.72 4.50
C SER A 235 19.71 28.02 5.26
N LEU A 236 18.79 27.41 4.52
CA LEU A 236 17.63 26.75 5.11
C LEU A 236 18.04 25.71 6.16
N PHE A 237 19.08 24.94 5.83
CA PHE A 237 19.71 24.01 6.76
C PHE A 237 21.20 24.35 6.82
N PRO A 238 21.84 24.09 7.96
CA PRO A 238 23.23 24.52 8.15
C PRO A 238 24.18 24.01 7.09
N LEU A 239 24.98 24.90 6.52
CA LEU A 239 25.97 24.55 5.51
C LEU A 239 27.29 25.29 5.74
N GLU A 240 28.38 24.58 5.47
CA GLU A 240 29.72 25.14 5.53
C GLU A 240 30.02 26.00 4.30
N GLU A 241 29.63 25.50 3.13
CA GLU A 241 29.95 26.14 1.87
C GLU A 241 28.76 26.86 1.26
N GLU A 242 29.04 27.98 0.57
CA GLU A 242 28.00 28.73 -0.13
C GLU A 242 27.92 28.34 -1.60
N VAL A 243 29.02 27.81 -2.13
CA VAL A 243 29.09 27.48 -3.55
C VAL A 243 29.11 25.98 -3.81
N LEU A 244 28.28 25.53 -4.75
CA LEU A 244 28.25 24.14 -5.17
C LEU A 244 28.78 24.05 -6.60
N ASN A 245 29.85 23.29 -6.82
CA ASN A 245 30.53 23.33 -8.10
C ASN A 245 30.19 22.24 -9.13
N ILE A 246 29.31 21.32 -8.77
CA ILE A 246 28.93 20.25 -9.69
C ILE A 246 27.94 20.79 -10.73
N PRO A 247 27.78 20.07 -11.85
CA PRO A 247 26.80 20.52 -12.85
C PRO A 247 25.38 20.33 -12.34
N VAL A 248 24.55 21.37 -12.49
CA VAL A 248 23.19 21.36 -11.99
C VAL A 248 22.21 21.81 -13.07
N GLN A 249 21.07 21.13 -13.13
CA GLN A 249 19.97 21.53 -14.00
C GLN A 249 18.74 21.79 -13.14
N ILE A 250 18.13 22.96 -13.31
CA ILE A 250 16.85 23.28 -12.69
C ILE A 250 15.75 23.12 -13.73
N ILE A 251 14.65 22.47 -13.36
CA ILE A 251 13.47 22.34 -14.21
C ILE A 251 12.28 22.82 -13.40
N TRP A 252 11.71 23.95 -13.78
CA TRP A 252 10.89 24.73 -12.86
C TRP A 252 9.56 25.10 -13.45
N GLY A 253 8.47 24.75 -12.76
CA GLY A 253 7.14 25.11 -13.22
C GLY A 253 6.81 26.51 -12.76
N ASN A 254 6.59 27.43 -13.70
CA ASN A 254 6.36 28.83 -13.33
C ASN A 254 5.10 29.09 -12.52
N GLN A 255 4.09 28.23 -12.66
CA GLN A 255 2.78 28.50 -12.05
C GLN A 255 2.69 28.00 -10.61
N ASP A 256 3.79 27.43 -10.11
CA ASP A 256 3.83 26.90 -8.74
C ASP A 256 3.39 27.95 -7.71
N PRO A 257 2.31 27.65 -6.96
CA PRO A 257 1.84 28.59 -5.94
C PRO A 257 2.66 28.56 -4.65
N THR A 258 3.53 27.57 -4.50
CA THR A 258 4.28 27.37 -3.26
CA THR A 258 4.27 27.42 -3.24
C THR A 258 5.70 27.97 -3.30
N PHE A 259 6.30 27.96 -4.48
CA PHE A 259 7.63 28.53 -4.65
C PHE A 259 7.63 29.57 -5.78
N MET A 260 7.96 30.81 -5.43
CA MET A 260 7.91 31.92 -6.35
C MET A 260 9.08 31.89 -7.32
N PRO A 261 8.92 32.49 -8.50
CA PRO A 261 9.99 32.46 -9.51
C PRO A 261 11.29 33.08 -9.03
N GLU A 262 11.23 34.04 -8.10
CA GLU A 262 12.43 34.75 -7.65
C GLU A 262 13.42 33.85 -6.92
N ASN A 263 12.99 32.64 -6.55
CA ASN A 263 13.91 31.67 -5.95
C ASN A 263 15.08 31.39 -6.88
N LEU A 264 14.89 31.66 -8.17
CA LEU A 264 15.91 31.35 -9.16
C LEU A 264 16.83 32.53 -9.46
N ASP A 265 16.43 33.71 -8.99
CA ASP A 265 17.24 34.91 -9.21
C ASP A 265 18.63 34.76 -8.60
N GLY A 266 19.66 34.95 -9.43
CA GLY A 266 21.04 34.94 -8.97
C GLY A 266 21.50 33.62 -8.39
N ILE A 267 20.80 32.54 -8.73
CA ILE A 267 21.16 31.24 -8.22
C ILE A 267 22.56 30.84 -8.71
N GLU A 268 22.98 31.37 -9.85
CA GLU A 268 24.29 31.05 -10.40
C GLU A 268 25.45 31.54 -9.53
N GLU A 269 25.18 32.48 -8.63
CA GLU A 269 26.20 32.92 -7.68
C GLU A 269 26.54 31.79 -6.71
N TYR A 270 25.54 30.95 -6.42
CA TYR A 270 25.71 29.84 -5.49
C TYR A 270 26.04 28.54 -6.21
N VAL A 271 25.66 28.49 -7.48
CA VAL A 271 25.80 27.29 -8.29
C VAL A 271 26.29 27.68 -9.68
N PRO A 272 27.61 27.88 -9.84
CA PRO A 272 28.18 28.47 -11.07
C PRO A 272 27.92 27.69 -12.35
N ASN A 273 27.89 26.37 -12.27
CA ASN A 273 27.66 25.56 -13.45
C ASN A 273 26.21 25.07 -13.45
N ILE A 274 25.30 26.01 -13.68
CA ILE A 274 23.88 25.69 -13.62
C ILE A 274 23.16 26.04 -14.92
N SER A 275 22.15 25.25 -15.24
CA SER A 275 21.25 25.56 -16.35
C SER A 275 19.84 25.58 -15.80
N VAL A 276 19.01 26.48 -16.32
CA VAL A 276 17.65 26.62 -15.83
C VAL A 276 16.66 26.52 -16.99
N HIS A 277 15.65 25.68 -16.84
CA HIS A 277 14.56 25.57 -17.81
C HIS A 277 13.26 25.85 -17.09
N ARG A 278 12.51 26.84 -17.57
CA ARG A 278 11.26 27.22 -16.93
C ARG A 278 10.07 26.84 -17.81
N LEU A 279 9.10 26.13 -17.23
CA LEU A 279 7.90 25.76 -17.98
C LEU A 279 6.78 26.73 -17.68
N ALA A 280 6.30 27.42 -18.70
CA ALA A 280 5.22 28.38 -18.52
C ALA A 280 3.90 27.70 -18.15
N GLU A 281 3.70 26.48 -18.63
CA GLU A 281 2.42 25.80 -18.46
C GLU A 281 2.44 24.67 -17.44
N ALA A 282 3.42 24.71 -16.53
CA ALA A 282 3.45 23.73 -15.44
C ALA A 282 3.48 24.43 -14.10
N SER A 283 2.93 23.73 -13.11
CA SER A 283 2.85 24.26 -11.76
C SER A 283 3.91 23.56 -10.90
N HIS A 284 3.51 23.08 -9.73
CA HIS A 284 4.45 22.60 -8.72
C HIS A 284 5.29 21.38 -9.11
N ALA A 285 4.75 20.54 -9.99
CA ALA A 285 5.38 19.23 -10.26
C ALA A 285 5.51 18.93 -11.75
N PRO A 286 6.43 19.64 -12.41
CA PRO A 286 6.61 19.49 -13.86
C PRO A 286 6.86 18.04 -14.26
N GLN A 287 7.52 17.27 -13.41
CA GLN A 287 7.95 15.94 -13.81
C GLN A 287 6.80 15.04 -14.27
N HIS A 288 5.62 15.18 -13.66
CA HIS A 288 4.47 14.42 -14.15
C HIS A 288 3.36 15.26 -14.79
N GLU A 289 3.46 16.59 -14.70
CA GLU A 289 2.56 17.47 -15.45
C GLU A 289 2.91 17.54 -16.93
N LYS A 290 4.21 17.63 -17.22
CA LYS A 290 4.71 17.78 -18.59
C LYS A 290 5.92 16.85 -18.80
N PRO A 291 5.68 15.54 -18.72
CA PRO A 291 6.81 14.61 -18.70
C PRO A 291 7.68 14.63 -19.96
N GLN A 292 7.07 14.83 -21.12
CA GLN A 292 7.86 14.80 -22.35
C GLN A 292 8.83 15.98 -22.41
N GLU A 293 8.31 17.18 -22.15
CA GLU A 293 9.15 18.37 -22.12
C GLU A 293 10.29 18.22 -21.09
N VAL A 294 9.92 17.76 -19.90
CA VAL A 294 10.89 17.54 -18.84
C VAL A 294 11.96 16.52 -19.24
N ASN A 295 11.51 15.39 -19.78
CA ASN A 295 12.44 14.33 -20.15
C ASN A 295 13.45 14.78 -21.19
N ASN A 296 13.00 15.60 -22.13
CA ASN A 296 13.91 16.07 -23.17
C ASN A 296 14.95 17.03 -22.62
N VAL A 297 14.56 17.83 -21.63
CA VAL A 297 15.50 18.74 -20.98
C VAL A 297 16.52 17.94 -20.15
N MET A 298 16.04 16.91 -19.46
CA MET A 298 16.94 16.06 -18.70
C MET A 298 17.98 15.43 -19.60
N TRP A 299 17.55 14.87 -20.73
CA TRP A 299 18.49 14.30 -21.70
C TRP A 299 19.49 15.34 -22.17
N ASN A 300 18.97 16.53 -22.49
CA ASN A 300 19.83 17.60 -22.98
C ASN A 300 20.95 17.88 -21.98
N PHE A 301 20.57 17.99 -20.72
CA PHE A 301 21.52 18.22 -19.63
C PHE A 301 22.51 17.07 -19.46
N LEU A 302 22.00 15.85 -19.42
CA LEU A 302 22.86 14.68 -19.18
C LEU A 302 23.87 14.49 -20.31
N ASN A 303 23.49 14.93 -21.51
CA ASN A 303 24.34 14.71 -22.69
C ASN A 303 25.30 15.84 -23.01
N LYS A 304 25.13 17.00 -22.36
CA LYS A 304 25.95 18.15 -22.73
C LYS A 304 27.19 18.31 -21.87
N GLN B 21 0.40 -30.76 9.85
CA GLN B 21 -0.25 -31.87 10.51
C GLN B 21 -1.71 -31.60 10.83
N TYR B 22 -2.15 -32.04 12.00
CA TYR B 22 -3.59 -32.14 12.26
C TYR B 22 -3.91 -31.73 13.67
N ILE B 23 -5.12 -31.23 13.85
CA ILE B 23 -5.59 -30.86 15.18
C ILE B 23 -7.06 -31.24 15.28
N ASN B 24 -7.45 -31.81 16.41
CA ASN B 24 -8.85 -32.15 16.62
C ASN B 24 -9.58 -31.03 17.33
N VAL B 25 -10.62 -30.50 16.68
CA VAL B 25 -11.38 -29.40 17.25
C VAL B 25 -12.85 -29.58 16.91
N ASN B 26 -13.73 -29.31 17.87
CA ASN B 26 -15.14 -29.14 17.55
C ASN B 26 -15.71 -30.28 16.71
N GLY B 27 -15.32 -31.50 17.04
CA GLY B 27 -15.88 -32.69 16.40
C GLY B 27 -15.23 -33.12 15.10
N VAL B 28 -14.17 -32.42 14.68
CA VAL B 28 -13.50 -32.78 13.44
C VAL B 28 -11.97 -32.77 13.55
N ASN B 29 -11.32 -33.53 12.68
CA ASN B 29 -9.87 -33.50 12.55
CA ASN B 29 -9.87 -33.48 12.57
C ASN B 29 -9.49 -32.59 11.39
N LEU B 30 -8.87 -31.43 11.69
CA LEU B 30 -8.48 -30.49 10.65
C LEU B 30 -7.00 -30.61 10.30
N HIS B 31 -6.69 -30.53 9.01
CA HIS B 31 -5.31 -30.52 8.52
C HIS B 31 -4.85 -29.08 8.40
N TYR B 32 -3.56 -28.83 8.63
CA TYR B 32 -3.01 -27.50 8.41
C TYR B 32 -1.54 -27.53 7.97
N ILE B 33 -1.10 -26.47 7.31
CA ILE B 33 0.30 -26.23 7.03
C ILE B 33 0.85 -25.34 8.13
N SER B 34 2.03 -25.66 8.64
CA SER B 34 2.63 -24.91 9.72
C SER B 34 4.10 -24.67 9.47
N LYS B 35 4.56 -23.45 9.73
CA LYS B 35 5.99 -23.14 9.74
C LYS B 35 6.29 -22.09 10.81
N GLY B 36 7.55 -22.02 11.24
CA GLY B 36 7.97 -20.97 12.15
C GLY B 36 7.55 -21.13 13.61
N GLN B 37 7.80 -20.09 14.40
CA GLN B 37 7.48 -20.08 15.83
C GLN B 37 7.21 -18.65 16.28
N GLY B 38 6.51 -18.50 17.40
CA GLY B 38 6.21 -17.21 17.98
C GLY B 38 4.72 -16.92 17.97
N GLU B 39 4.34 -15.67 17.74
CA GLU B 39 2.93 -15.34 17.71
C GLU B 39 2.24 -16.02 16.53
N LEU B 40 0.97 -16.38 16.72
CA LEU B 40 0.20 -17.07 15.69
C LEU B 40 -0.26 -16.12 14.59
N MET B 41 0.05 -16.48 13.35
CA MET B 41 -0.58 -15.86 12.20
C MET B 41 -1.38 -16.97 11.53
N LEU B 42 -2.70 -16.87 11.63
CA LEU B 42 -3.60 -17.94 11.20
C LEU B 42 -4.31 -17.53 9.92
N PHE B 43 -4.16 -18.35 8.87
CA PHE B 43 -4.71 -18.03 7.54
C PHE B 43 -5.92 -18.89 7.24
N LEU B 44 -7.00 -18.24 6.78
CA LEU B 44 -8.22 -18.95 6.39
C LEU B 44 -8.55 -18.72 4.92
N HIS B 45 -8.45 -19.77 4.11
CA HIS B 45 -8.82 -19.72 2.70
C HIS B 45 -10.34 -19.74 2.49
N GLY B 46 -10.74 -19.68 1.23
CA GLY B 46 -12.14 -19.80 0.84
C GLY B 46 -12.33 -20.79 -0.30
N PHE B 47 -13.39 -20.60 -1.07
CA PHE B 47 -13.78 -21.55 -2.11
C PHE B 47 -13.22 -21.16 -3.47
N PRO B 48 -12.67 -22.12 -4.22
CA PRO B 48 -12.48 -23.55 -3.92
C PRO B 48 -11.00 -23.79 -3.67
N ASP B 49 -10.38 -22.95 -2.84
CA ASP B 49 -8.96 -23.07 -2.58
C ASP B 49 -8.72 -23.97 -1.39
N PHE B 50 -7.57 -23.80 -0.75
CA PHE B 50 -7.19 -24.53 0.45
C PHE B 50 -5.92 -23.89 1.02
N SER B 51 -5.30 -24.53 2.01
CA SER B 51 -4.14 -23.95 2.69
C SER B 51 -3.05 -23.44 1.73
N HIS B 52 -2.87 -24.13 0.61
CA HIS B 52 -1.78 -23.85 -0.34
C HIS B 52 -1.85 -22.43 -0.91
N ILE B 53 -3.04 -21.83 -0.91
CA ILE B 53 -3.16 -20.50 -1.51
C ILE B 53 -2.26 -19.52 -0.78
N TRP B 54 -1.93 -19.83 0.48
CA TRP B 54 -1.15 -18.92 1.32
C TRP B 54 0.35 -19.18 1.31
N ARG B 55 0.80 -20.05 0.40
CA ARG B 55 2.20 -20.50 0.39
C ARG B 55 3.23 -19.37 0.44
N HIS B 56 2.96 -18.26 -0.24
CA HIS B 56 3.93 -17.16 -0.29
C HIS B 56 4.00 -16.40 1.03
N GLN B 57 2.87 -16.35 1.74
CA GLN B 57 2.87 -15.66 3.03
C GLN B 57 3.44 -16.59 4.11
N ILE B 58 3.20 -17.88 3.99
CA ILE B 58 3.83 -18.83 4.91
C ILE B 58 5.35 -18.70 4.80
N ASP B 59 5.85 -18.69 3.58
CA ASP B 59 7.29 -18.59 3.38
C ASP B 59 7.87 -17.28 3.93
N GLU B 60 7.15 -16.18 3.71
CA GLU B 60 7.65 -14.85 4.07
C GLU B 60 7.59 -14.56 5.58
N PHE B 61 6.51 -14.97 6.22
CA PHE B 61 6.28 -14.58 7.61
C PHE B 61 6.70 -15.60 8.65
N SER B 62 7.14 -16.78 8.21
CA SER B 62 7.50 -17.85 9.14
C SER B 62 8.84 -17.65 9.85
N ASN B 63 9.56 -16.59 9.51
CA ASN B 63 10.79 -16.29 10.24
C ASN B 63 10.51 -15.39 11.44
N ASP B 64 9.29 -14.89 11.53
CA ASP B 64 8.93 -14.00 12.62
C ASP B 64 7.66 -14.42 13.34
N PHE B 65 6.90 -15.33 12.73
CA PHE B 65 5.62 -15.75 13.27
C PHE B 65 5.49 -17.26 13.19
N HIS B 66 4.58 -17.81 13.97
CA HIS B 66 4.11 -19.18 13.76
C HIS B 66 3.00 -19.07 12.73
N THR B 67 3.31 -19.37 11.47
CA THR B 67 2.31 -19.27 10.41
C THR B 67 1.57 -20.59 10.29
N VAL B 68 0.24 -20.55 10.37
CA VAL B 68 -0.58 -21.75 10.27
C VAL B 68 -1.66 -21.50 9.24
N ALA B 69 -1.70 -22.32 8.21
CA ALA B 69 -2.75 -22.22 7.19
C ALA B 69 -3.65 -23.43 7.27
N LEU B 70 -4.88 -23.20 7.69
CA LEU B 70 -5.85 -24.26 7.90
C LEU B 70 -6.48 -24.71 6.59
N ASP B 71 -6.74 -26.01 6.46
CA ASP B 71 -7.72 -26.48 5.48
C ASP B 71 -9.03 -26.50 6.26
N LEU B 72 -10.00 -25.72 5.82
CA LEU B 72 -11.29 -25.66 6.51
C LEU B 72 -11.96 -27.02 6.41
N ARG B 73 -12.88 -27.29 7.33
CA ARG B 73 -13.58 -28.58 7.29
C ARG B 73 -14.18 -28.80 5.91
N GLY B 74 -14.03 -30.03 5.40
CA GLY B 74 -14.52 -30.38 4.08
C GLY B 74 -13.49 -30.24 2.97
N TYR B 75 -12.39 -29.54 3.26
CA TYR B 75 -11.40 -29.25 2.23
C TYR B 75 -10.13 -30.08 2.36
N ASN B 76 -9.57 -30.49 1.21
CA ASN B 76 -8.27 -31.15 1.17
C ASN B 76 -8.20 -32.30 2.16
N LEU B 77 -7.24 -32.26 3.09
CA LEU B 77 -7.03 -33.38 4.00
C LEU B 77 -7.79 -33.26 5.32
N SER B 78 -8.57 -32.19 5.46
CA SER B 78 -9.38 -32.05 6.65
C SER B 78 -10.57 -32.98 6.58
N GLU B 79 -11.09 -33.36 7.74
CA GLU B 79 -12.27 -34.22 7.80
C GLU B 79 -13.42 -33.58 7.03
N LYS B 80 -14.27 -34.45 6.50
CA LYS B 80 -15.42 -34.04 5.69
C LYS B 80 -16.69 -34.57 6.35
N PRO B 81 -17.12 -33.90 7.44
CA PRO B 81 -18.29 -34.41 8.17
C PRO B 81 -19.55 -34.35 7.31
N SER B 82 -20.54 -35.15 7.70
CA SER B 82 -21.78 -35.30 6.94
C SER B 82 -22.89 -34.39 7.43
N GLY B 83 -23.65 -33.83 6.49
CA GLY B 83 -24.84 -33.07 6.82
C GLY B 83 -24.67 -31.56 6.76
N LEU B 84 -25.72 -30.84 6.38
CA LEU B 84 -25.66 -29.40 6.28
C LEU B 84 -25.31 -28.73 7.61
N GLU B 85 -25.73 -29.37 8.70
CA GLU B 85 -25.54 -28.78 10.03
C GLU B 85 -24.05 -28.64 10.36
N SER B 86 -23.23 -29.47 9.74
CA SER B 86 -21.80 -29.47 10.02
C SER B 86 -21.06 -28.32 9.33
N TYR B 87 -21.78 -27.52 8.56
CA TYR B 87 -21.17 -26.40 7.83
C TYR B 87 -21.86 -25.06 8.07
N GLU B 88 -22.61 -24.98 9.16
CA GLU B 88 -23.26 -23.74 9.58
C GLU B 88 -22.25 -22.77 10.17
N ILE B 89 -22.54 -21.47 10.09
CA ILE B 89 -21.60 -20.46 10.54
C ILE B 89 -21.14 -20.64 12.00
N ASP B 90 -22.06 -20.99 12.91
CA ASP B 90 -21.66 -21.10 14.32
C ASP B 90 -20.63 -22.22 14.51
N VAL B 91 -20.76 -23.27 13.69
CA VAL B 91 -19.85 -24.40 13.77
C VAL B 91 -18.47 -23.99 13.25
N LEU B 92 -18.47 -23.29 12.12
CA LEU B 92 -17.21 -22.81 11.52
C LEU B 92 -16.49 -21.81 12.44
N VAL B 93 -17.25 -20.91 13.05
CA VAL B 93 -16.68 -19.96 14.00
C VAL B 93 -16.04 -20.68 15.21
N GLU B 94 -16.73 -21.70 15.72
CA GLU B 94 -16.18 -22.47 16.83
C GLU B 94 -14.93 -23.27 16.46
N ASP B 95 -14.84 -23.74 15.21
CA ASP B 95 -13.60 -24.36 14.75
C ASP B 95 -12.44 -23.38 14.95
N ILE B 96 -12.63 -22.14 14.52
CA ILE B 96 -11.55 -21.17 14.60
C ILE B 96 -11.16 -20.91 16.04
N ARG B 97 -12.17 -20.71 16.90
CA ARG B 97 -11.89 -20.47 18.31
C ARG B 97 -11.09 -21.62 18.89
N GLN B 98 -11.49 -22.85 18.56
CA GLN B 98 -10.82 -24.02 19.13
C GLN B 98 -9.43 -24.27 18.55
N VAL B 99 -9.22 -23.93 17.28
CA VAL B 99 -7.86 -24.03 16.71
C VAL B 99 -6.91 -23.08 17.46
N ILE B 100 -7.34 -21.84 17.65
CA ILE B 100 -6.51 -20.87 18.36
C ILE B 100 -6.15 -21.38 19.77
N GLU B 101 -7.15 -21.78 20.54
CA GLU B 101 -6.91 -22.30 21.88
C GLU B 101 -6.09 -23.58 21.87
N GLY B 102 -6.42 -24.48 20.94
CA GLY B 102 -5.79 -25.79 20.87
C GLY B 102 -4.30 -25.76 20.55
N LEU B 103 -3.89 -24.76 19.78
CA LEU B 103 -2.47 -24.55 19.48
C LEU B 103 -1.76 -23.85 20.62
N GLY B 104 -2.50 -23.46 21.65
CA GLY B 104 -1.92 -22.86 22.84
C GLY B 104 -1.97 -21.34 22.93
N TYR B 105 -2.86 -20.73 22.15
CA TYR B 105 -2.93 -19.27 22.06
C TYR B 105 -4.21 -18.68 22.66
N SER B 106 -4.13 -17.43 23.08
CA SER B 106 -5.33 -16.70 23.50
C SER B 106 -5.73 -15.64 22.47
N SER B 107 -4.84 -15.37 21.52
CA SER B 107 -5.13 -14.43 20.45
C SER B 107 -4.17 -14.65 19.28
N CYS B 108 -4.45 -14.02 18.15
CA CYS B 108 -3.62 -14.24 16.96
C CYS B 108 -3.77 -13.09 15.98
N THR B 109 -2.93 -13.11 14.94
CA THR B 109 -3.18 -12.29 13.76
C THR B 109 -3.95 -13.17 12.79
N LEU B 110 -5.12 -12.72 12.38
CA LEU B 110 -6.02 -13.53 11.56
C LEU B 110 -6.00 -12.98 10.14
N VAL B 111 -5.76 -13.86 9.17
CA VAL B 111 -5.59 -13.46 7.78
C VAL B 111 -6.57 -14.26 6.93
N VAL B 112 -7.44 -13.57 6.20
CA VAL B 112 -8.66 -14.23 5.70
C VAL B 112 -9.00 -13.84 4.26
N HIS B 113 -9.69 -14.74 3.56
CA HIS B 113 -10.03 -14.56 2.14
C HIS B 113 -11.31 -15.33 1.81
N ASP B 114 -12.24 -14.69 1.09
CA ASP B 114 -13.42 -15.39 0.55
C ASP B 114 -14.32 -15.97 1.68
N TRP B 115 -14.70 -17.25 1.61
CA TRP B 115 -15.41 -17.88 2.73
C TRP B 115 -14.62 -17.75 4.05
N GLY B 116 -13.30 -17.78 3.95
CA GLY B 116 -12.44 -17.56 5.11
C GLY B 116 -12.65 -16.18 5.72
N ALA B 117 -12.98 -15.20 4.88
CA ALA B 117 -13.28 -13.84 5.35
C ALA B 117 -14.70 -13.76 5.93
N GLY B 118 -15.65 -14.43 5.29
CA GLY B 118 -16.98 -14.51 5.87
C GLY B 118 -16.92 -15.04 7.29
N ILE B 119 -16.22 -16.16 7.47
CA ILE B 119 -16.02 -16.77 8.77
C ILE B 119 -15.18 -15.87 9.68
N GLY B 120 -14.07 -15.38 9.14
CA GLY B 120 -13.12 -14.59 9.92
C GLY B 120 -13.63 -13.25 10.43
N TRP B 121 -14.33 -12.50 9.58
CA TRP B 121 -14.96 -11.27 10.04
C TRP B 121 -15.95 -11.59 11.16
N THR B 122 -16.75 -12.63 10.96
CA THR B 122 -17.76 -13.00 11.96
C THR B 122 -17.08 -13.39 13.27
N PHE B 123 -16.01 -14.18 13.18
CA PHE B 123 -15.23 -14.54 14.36
C PHE B 123 -14.70 -13.30 15.07
N ALA B 124 -14.10 -12.38 14.31
CA ALA B 124 -13.51 -11.19 14.90
C ALA B 124 -14.54 -10.33 15.62
N TYR B 125 -15.73 -10.17 15.03
CA TYR B 125 -16.80 -9.42 15.68
C TYR B 125 -17.29 -10.08 16.97
N ARG B 126 -17.39 -11.40 16.95
CA ARG B 126 -17.93 -12.15 18.09
C ARG B 126 -16.87 -12.33 19.20
N TYR B 127 -15.60 -12.40 18.78
CA TYR B 127 -14.50 -12.72 19.69
C TYR B 127 -13.32 -11.79 19.47
N PRO B 128 -13.54 -10.48 19.61
CA PRO B 128 -12.46 -9.55 19.26
C PRO B 128 -11.21 -9.77 20.12
N GLU B 129 -11.38 -10.30 21.32
CA GLU B 129 -10.24 -10.48 22.21
C GLU B 129 -9.29 -11.57 21.68
N TYR B 130 -9.78 -12.40 20.77
CA TYR B 130 -8.96 -13.44 20.17
C TYR B 130 -8.18 -12.93 18.96
N VAL B 131 -8.48 -11.72 18.51
CA VAL B 131 -7.85 -11.21 17.29
C VAL B 131 -7.05 -9.94 17.55
N GLN B 132 -5.72 -10.07 17.56
CA GLN B 132 -4.84 -8.92 17.75
C GLN B 132 -4.98 -7.95 16.59
N LYS B 133 -4.94 -8.49 15.38
CA LYS B 133 -5.08 -7.71 14.15
C LYS B 133 -5.70 -8.61 13.11
N LEU B 134 -6.48 -8.01 12.20
CA LEU B 134 -7.12 -8.74 11.13
C LEU B 134 -6.62 -8.24 9.78
N ILE B 135 -6.26 -9.16 8.90
CA ILE B 135 -5.89 -8.83 7.54
C ILE B 135 -6.85 -9.55 6.63
N ALA B 136 -7.67 -8.78 5.91
CA ALA B 136 -8.73 -9.35 5.09
C ALA B 136 -8.52 -9.06 3.61
N PHE B 137 -8.62 -10.12 2.80
CA PHE B 137 -8.56 -10.01 1.35
C PHE B 137 -9.98 -10.05 0.80
N ASN B 138 -10.12 -10.06 -0.53
CA ASN B 138 -11.43 -10.10 -1.18
C ASN B 138 -12.38 -11.06 -0.49
N GLY B 139 -13.56 -10.57 -0.16
CA GLY B 139 -14.53 -11.36 0.57
C GLY B 139 -15.53 -10.44 1.22
N PRO B 140 -16.58 -11.01 1.84
CA PRO B 140 -17.67 -10.18 2.37
C PRO B 140 -17.42 -9.64 3.78
N HIS B 141 -17.47 -8.32 3.92
CA HIS B 141 -17.65 -7.74 5.25
C HIS B 141 -19.12 -7.97 5.62
N PRO B 142 -19.38 -8.42 6.86
CA PRO B 142 -20.74 -8.82 7.23
C PRO B 142 -21.81 -7.77 6.92
N TYR B 143 -21.49 -6.49 7.09
CA TYR B 143 -22.49 -5.44 6.90
C TYR B 143 -22.49 -4.84 5.49
N THR B 144 -21.32 -4.45 4.99
CA THR B 144 -21.30 -3.85 3.66
C THR B 144 -21.75 -4.83 2.58
N PHE B 145 -21.51 -6.12 2.78
CA PHE B 145 -21.90 -7.09 1.77
C PHE B 145 -23.41 -7.12 1.59
N MET B 146 -24.14 -7.10 2.69
CA MET B 146 -25.61 -7.11 2.62
C MET B 146 -26.11 -5.84 1.92
N ARG B 147 -25.47 -4.72 2.23
CA ARG B 147 -25.81 -3.46 1.58
C ARG B 147 -25.65 -3.58 0.06
N GLU B 148 -24.52 -4.14 -0.37
CA GLU B 148 -24.26 -4.28 -1.80
C GLU B 148 -25.23 -5.27 -2.47
N LEU B 149 -25.61 -6.33 -1.77
CA LEU B 149 -26.59 -7.26 -2.32
C LEU B 149 -27.93 -6.56 -2.53
N ARG B 150 -28.23 -5.59 -1.68
CA ARG B 150 -29.51 -4.87 -1.78
C ARG B 150 -29.52 -3.81 -2.88
N THR B 151 -28.38 -3.15 -3.10
CA THR B 151 -28.35 -1.93 -3.90
C THR B 151 -27.47 -1.96 -5.15
N ASN B 152 -26.59 -2.95 -5.25
CA ASN B 152 -25.59 -2.95 -6.31
C ASN B 152 -25.89 -3.97 -7.41
N LYS B 153 -26.40 -3.50 -8.55
CA LYS B 153 -26.79 -4.40 -9.64
C LYS B 153 -25.63 -5.33 -10.03
N ASN B 154 -24.41 -4.82 -9.95
CA ASN B 154 -23.25 -5.60 -10.34
C ASN B 154 -22.89 -6.68 -9.33
N GLN B 155 -23.15 -6.41 -8.06
CA GLN B 155 -22.91 -7.40 -7.01
C GLN B 155 -23.99 -8.46 -7.04
N GLN B 156 -25.20 -8.04 -7.38
CA GLN B 156 -26.31 -8.97 -7.48
C GLN B 156 -25.99 -9.95 -8.60
N LYS B 157 -25.59 -9.42 -9.75
CA LYS B 157 -25.18 -10.25 -10.87
C LYS B 157 -24.01 -11.16 -10.47
N ALA B 158 -22.99 -10.57 -9.84
CA ALA B 158 -21.79 -11.30 -9.48
C ALA B 158 -22.06 -12.48 -8.56
N SER B 159 -23.08 -12.35 -7.71
CA SER B 159 -23.34 -13.35 -6.66
C SER B 159 -24.43 -14.35 -7.01
N GLU B 160 -24.94 -14.29 -8.24
CA GLU B 160 -26.03 -15.17 -8.66
C GLU B 160 -25.66 -16.64 -8.50
N TYR B 161 -24.37 -16.93 -8.54
CA TYR B 161 -23.89 -18.30 -8.44
C TYR B 161 -24.30 -18.96 -7.12
N ALA B 162 -24.42 -18.17 -6.06
CA ALA B 162 -24.73 -18.72 -4.74
C ALA B 162 -26.10 -19.41 -4.70
N LYS B 163 -27.07 -18.83 -5.43
CA LYS B 163 -28.40 -19.40 -5.51
C LYS B 163 -28.38 -20.66 -6.35
N TRP B 164 -27.63 -20.62 -7.44
CA TRP B 164 -27.44 -21.80 -8.29
C TRP B 164 -26.84 -22.94 -7.48
N PHE B 165 -25.91 -22.60 -6.58
CA PHE B 165 -25.21 -23.58 -5.76
C PHE B 165 -26.16 -24.40 -4.88
N GLN B 166 -27.39 -23.94 -4.74
CA GLN B 166 -28.37 -24.67 -3.94
C GLN B 166 -28.83 -25.96 -4.64
N LYS B 167 -28.61 -26.02 -5.95
CA LYS B 167 -29.13 -27.13 -6.74
C LYS B 167 -28.17 -28.32 -6.87
N GLN B 168 -28.73 -29.52 -6.91
CA GLN B 168 -27.95 -30.74 -6.91
C GLN B 168 -27.02 -30.84 -8.12
N GLU B 169 -27.43 -30.27 -9.25
CA GLU B 169 -26.64 -30.38 -10.47
C GLU B 169 -25.28 -29.67 -10.40
N VAL B 170 -25.08 -28.84 -9.38
CA VAL B 170 -23.83 -28.08 -9.29
C VAL B 170 -22.64 -28.96 -8.95
N GLN B 171 -22.84 -29.97 -8.12
CA GLN B 171 -21.73 -30.85 -7.77
C GLN B 171 -21.20 -31.56 -9.02
N ASP B 172 -22.11 -32.05 -9.86
CA ASP B 172 -21.72 -32.70 -11.10
C ASP B 172 -21.00 -31.72 -12.03
N TYR B 173 -21.47 -30.47 -12.09
CA TYR B 173 -20.81 -29.47 -12.91
C TYR B 173 -19.36 -29.25 -12.45
N MET B 174 -19.16 -29.23 -11.14
CA MET B 174 -17.84 -28.97 -10.59
C MET B 174 -16.88 -30.15 -10.75
N GLU B 175 -17.43 -31.36 -10.71
CA GLU B 175 -16.62 -32.59 -10.70
C GLU B 175 -16.36 -33.20 -12.08
N ARG B 176 -17.31 -33.05 -12.98
CA ARG B 176 -17.22 -33.80 -14.23
C ARG B 176 -15.97 -33.45 -15.02
N ASP B 177 -15.49 -34.43 -15.80
CA ASP B 177 -14.29 -34.25 -16.62
C ASP B 177 -13.10 -33.75 -15.80
N ASN B 178 -12.75 -34.49 -14.75
CA ASN B 178 -11.57 -34.16 -13.95
C ASN B 178 -11.70 -32.77 -13.33
N PHE B 179 -12.84 -32.54 -12.68
CA PHE B 179 -13.13 -31.29 -11.98
C PHE B 179 -13.06 -30.07 -12.89
N SER B 180 -13.66 -30.19 -14.07
CA SER B 180 -13.67 -29.11 -15.04
C SER B 180 -14.20 -27.78 -14.48
N GLY B 181 -15.28 -27.83 -13.71
CA GLY B 181 -15.87 -26.61 -13.17
C GLY B 181 -14.92 -25.85 -12.27
N LEU B 182 -14.15 -26.57 -11.48
CA LEU B 182 -13.19 -25.95 -10.57
C LEU B 182 -11.95 -25.50 -11.33
N ARG B 183 -11.52 -26.32 -12.30
CA ARG B 183 -10.36 -25.95 -13.13
C ARG B 183 -10.61 -24.61 -13.82
N LYS B 184 -11.78 -24.48 -14.43
CA LYS B 184 -12.10 -23.29 -15.19
C LYS B 184 -12.15 -22.07 -14.27
N LEU B 185 -12.51 -22.30 -13.03
CA LEU B 185 -12.66 -21.24 -12.04
C LEU B 185 -11.30 -20.73 -11.55
N VAL B 186 -10.41 -21.66 -11.24
CA VAL B 186 -9.16 -21.33 -10.55
C VAL B 186 -7.88 -21.61 -11.36
N ILE B 187 -7.81 -22.78 -11.98
CA ILE B 187 -6.61 -23.21 -12.68
C ILE B 187 -6.32 -22.38 -13.94
N ASP B 188 -7.32 -22.28 -14.81
CA ASP B 188 -7.11 -21.65 -16.10
C ASP B 188 -6.63 -20.18 -16.01
N PRO B 189 -7.29 -19.35 -15.19
CA PRO B 189 -6.79 -17.98 -15.06
C PRO B 189 -5.40 -17.91 -14.42
N GLY B 190 -5.14 -18.79 -13.46
CA GLY B 190 -3.85 -18.80 -12.76
C GLY B 190 -2.72 -19.21 -13.68
N VAL B 191 -2.98 -20.19 -14.53
CA VAL B 191 -2.00 -20.64 -15.51
C VAL B 191 -1.79 -19.58 -16.58
N LYS B 192 -2.89 -19.01 -17.05
CA LYS B 192 -2.83 -17.99 -18.10
C LYS B 192 -2.04 -16.77 -17.64
N LYS B 193 -2.28 -16.33 -16.40
CA LYS B 193 -1.63 -15.12 -15.88
C LYS B 193 -0.25 -15.40 -15.29
N GLY B 194 0.05 -16.67 -15.08
CA GLY B 194 1.40 -17.08 -14.69
C GLY B 194 1.68 -17.15 -13.20
N TYR B 195 0.64 -17.16 -12.36
CA TYR B 195 0.89 -17.25 -10.92
C TYR B 195 0.68 -18.66 -10.34
N LEU B 196 0.33 -19.61 -11.20
CA LEU B 196 0.29 -21.02 -10.80
C LEU B 196 1.30 -21.80 -11.62
N THR B 197 2.20 -22.50 -10.93
CA THR B 197 3.17 -23.37 -11.59
C THR B 197 2.50 -24.72 -11.84
N ALA B 198 3.13 -25.59 -12.63
CA ALA B 198 2.61 -26.93 -12.82
C ALA B 198 2.42 -27.64 -11.48
N ASP B 199 3.36 -27.43 -10.56
CA ASP B 199 3.26 -28.04 -9.24
C ASP B 199 2.05 -27.50 -8.47
N ASP B 200 1.78 -26.20 -8.59
CA ASP B 200 0.61 -25.61 -7.94
C ASP B 200 -0.66 -26.23 -8.50
N VAL B 201 -0.71 -26.39 -9.82
CA VAL B 201 -1.85 -27.01 -10.48
C VAL B 201 -2.05 -28.43 -9.95
N GLN B 202 -0.96 -29.19 -9.86
CA GLN B 202 -1.09 -30.55 -9.34
C GLN B 202 -1.60 -30.53 -7.90
N ALA B 203 -1.12 -29.58 -7.10
CA ALA B 203 -1.55 -29.46 -5.71
C ALA B 203 -3.05 -29.19 -5.61
N TYR B 204 -3.54 -28.28 -6.45
CA TYR B 204 -4.97 -27.99 -6.48
C TYR B 204 -5.79 -29.23 -6.87
N MET B 205 -5.35 -29.92 -7.93
CA MET B 205 -6.07 -31.11 -8.36
C MET B 205 -6.14 -32.14 -7.23
N ASN B 206 -5.02 -32.39 -6.58
CA ASN B 206 -5.02 -33.31 -5.45
C ASN B 206 -5.98 -32.84 -4.35
N SER B 207 -6.01 -31.53 -4.10
CA SER B 207 -6.86 -31.01 -3.03
C SER B 207 -8.32 -31.28 -3.31
N TRP B 208 -8.70 -31.20 -4.58
CA TRP B 208 -10.08 -31.46 -4.97
C TRP B 208 -10.43 -32.95 -4.93
N GLU B 209 -9.46 -33.81 -5.27
CA GLU B 209 -9.66 -35.25 -5.18
C GLU B 209 -9.77 -35.70 -3.71
N ASN B 210 -8.95 -35.10 -2.85
CA ASN B 210 -8.93 -35.47 -1.44
C ASN B 210 -10.03 -34.79 -0.63
N GLY B 211 -10.46 -33.61 -1.08
CA GLY B 211 -11.52 -32.87 -0.41
C GLY B 211 -12.88 -33.34 -0.91
N SER B 212 -13.92 -32.62 -0.55
CA SER B 212 -15.28 -33.00 -0.92
C SER B 212 -16.02 -31.82 -1.50
N VAL B 213 -16.43 -31.92 -2.76
CA VAL B 213 -17.20 -30.85 -3.38
C VAL B 213 -18.56 -30.71 -2.71
N LEU B 214 -19.12 -31.82 -2.24
CA LEU B 214 -20.38 -31.75 -1.49
C LEU B 214 -20.20 -30.93 -0.23
N SER B 215 -19.08 -31.15 0.48
CA SER B 215 -18.79 -30.37 1.67
C SER B 215 -18.64 -28.90 1.30
N MET B 216 -17.88 -28.61 0.25
CA MET B 216 -17.67 -27.22 -0.16
C MET B 216 -18.99 -26.50 -0.40
N LEU B 217 -19.90 -27.17 -1.10
CA LEU B 217 -21.15 -26.56 -1.49
C LEU B 217 -22.09 -26.42 -0.30
N SER B 218 -21.90 -27.28 0.70
CA SER B 218 -22.74 -27.25 1.90
C SER B 218 -22.63 -25.92 2.63
N TYR B 219 -21.45 -25.31 2.61
CA TYR B 219 -21.27 -23.97 3.16
C TYR B 219 -22.33 -23.03 2.58
N TYR B 220 -22.49 -23.07 1.26
CA TYR B 220 -23.39 -22.14 0.56
C TYR B 220 -24.84 -22.48 0.79
N ARG B 221 -25.11 -23.77 1.00
CA ARG B 221 -26.49 -24.22 1.13
C ARG B 221 -27.14 -23.80 2.45
N ASN B 222 -26.34 -23.23 3.35
CA ASN B 222 -26.87 -22.68 4.61
C ASN B 222 -27.03 -21.16 4.59
N LEU B 223 -26.60 -20.52 3.51
CA LEU B 223 -26.68 -19.06 3.42
C LEU B 223 -28.11 -18.55 3.39
N LYS B 224 -28.33 -17.39 4.02
CA LYS B 224 -29.67 -16.81 4.07
C LYS B 224 -29.67 -15.46 3.35
N ILE B 225 -29.56 -15.50 2.03
CA ILE B 225 -29.44 -14.28 1.24
C ILE B 225 -30.28 -14.32 -0.03
N PHE B 226 -31.36 -15.08 0.00
CA PHE B 226 -32.11 -15.33 -1.24
C PHE B 226 -33.53 -14.78 -1.22
N THR B 227 -34.14 -14.72 -0.04
CA THR B 227 -35.48 -14.14 0.08
C THR B 227 -35.41 -12.64 0.33
N GLU B 228 -36.37 -11.88 -0.19
CA GLU B 228 -36.40 -10.45 0.07
C GLU B 228 -36.30 -10.21 1.58
N GLU B 229 -36.96 -11.09 2.33
CA GLU B 229 -36.92 -11.06 3.79
C GLU B 229 -35.50 -11.17 4.33
N ASP B 230 -34.78 -12.20 3.88
CA ASP B 230 -33.42 -12.43 4.36
C ASP B 230 -32.47 -11.33 3.91
N LEU B 231 -32.73 -10.74 2.75
CA LEU B 231 -31.88 -9.67 2.23
C LEU B 231 -31.99 -8.39 3.05
N ARG B 232 -33.07 -8.25 3.82
CA ARG B 232 -33.25 -7.07 4.65
C ARG B 232 -32.36 -7.10 5.89
N ARG B 233 -31.84 -8.28 6.23
CA ARG B 233 -30.96 -8.42 7.39
C ARG B 233 -29.74 -7.50 7.32
N LYS B 234 -29.34 -6.96 8.46
CA LYS B 234 -28.21 -6.04 8.50
C LYS B 234 -26.87 -6.70 8.20
N SER B 235 -26.70 -7.95 8.65
CA SER B 235 -25.42 -8.62 8.45
C SER B 235 -25.59 -10.01 7.86
N LEU B 236 -24.56 -10.46 7.16
CA LEU B 236 -24.59 -11.74 6.46
C LEU B 236 -24.84 -12.90 7.44
N PHE B 237 -24.21 -12.81 8.61
CA PHE B 237 -24.45 -13.75 9.69
C PHE B 237 -24.78 -12.92 10.91
N PRO B 238 -25.59 -13.47 11.82
CA PRO B 238 -26.05 -12.70 12.98
C PRO B 238 -24.89 -12.15 13.80
N LEU B 239 -24.98 -10.86 14.15
CA LEU B 239 -24.00 -10.20 15.01
C LEU B 239 -24.69 -9.23 15.96
N GLU B 240 -24.16 -9.10 17.17
CA GLU B 240 -24.67 -8.15 18.15
C GLU B 240 -24.12 -6.74 17.96
N GLU B 241 -22.87 -6.64 17.47
CA GLU B 241 -22.24 -5.33 17.29
C GLU B 241 -22.03 -4.98 15.82
N GLU B 242 -22.11 -3.69 15.50
CA GLU B 242 -21.89 -3.20 14.13
C GLU B 242 -20.47 -2.70 13.96
N VAL B 243 -19.84 -2.32 15.07
CA VAL B 243 -18.49 -1.75 15.03
C VAL B 243 -17.43 -2.70 15.59
N LEU B 244 -16.37 -2.92 14.81
CA LEU B 244 -15.22 -3.71 15.21
C LEU B 244 -14.05 -2.77 15.42
N ASN B 245 -13.47 -2.78 16.61
CA ASN B 245 -12.48 -1.75 16.99
C ASN B 245 -11.01 -2.15 16.91
N ILE B 246 -10.72 -3.38 16.51
CA ILE B 246 -9.34 -3.83 16.40
C ILE B 246 -8.69 -3.28 15.14
N PRO B 247 -7.35 -3.34 15.07
CA PRO B 247 -6.69 -2.86 13.85
C PRO B 247 -6.93 -3.85 12.70
N VAL B 248 -7.33 -3.31 11.55
CA VAL B 248 -7.63 -4.13 10.38
C VAL B 248 -6.93 -3.57 9.14
N GLN B 249 -6.41 -4.49 8.32
CA GLN B 249 -5.87 -4.14 7.01
C GLN B 249 -6.66 -4.88 5.94
N ILE B 250 -7.10 -4.14 4.93
CA ILE B 250 -7.75 -4.73 3.75
C ILE B 250 -6.77 -4.72 2.58
N ILE B 251 -6.65 -5.86 1.90
CA ILE B 251 -5.81 -5.94 0.71
C ILE B 251 -6.68 -6.53 -0.39
N TRP B 252 -7.04 -5.70 -1.36
CA TRP B 252 -8.20 -5.98 -2.22
C TRP B 252 -7.86 -5.91 -3.70
N GLY B 253 -8.16 -6.97 -4.44
CA GLY B 253 -7.96 -6.98 -5.87
C GLY B 253 -9.16 -6.37 -6.58
N ASN B 254 -8.95 -5.26 -7.29
CA ASN B 254 -10.07 -4.53 -7.90
C ASN B 254 -10.79 -5.30 -9.01
N GLN B 255 -10.10 -6.24 -9.65
CA GLN B 255 -10.68 -6.91 -10.82
C GLN B 255 -11.53 -8.13 -10.46
N ASP B 256 -11.66 -8.40 -9.18
CA ASP B 256 -12.44 -9.55 -8.71
C ASP B 256 -13.84 -9.54 -9.32
N PRO B 257 -14.19 -10.59 -10.07
CA PRO B 257 -15.54 -10.66 -10.64
C PRO B 257 -16.59 -11.12 -9.63
N THR B 258 -16.14 -11.53 -8.44
CA THR B 258 -17.04 -12.10 -7.44
C THR B 258 -17.45 -11.07 -6.40
N PHE B 259 -16.50 -10.22 -6.00
CA PHE B 259 -16.79 -9.18 -5.02
C PHE B 259 -16.46 -7.82 -5.58
N MET B 260 -17.48 -6.97 -5.70
CA MET B 260 -17.34 -5.66 -6.33
C MET B 260 -16.57 -4.69 -5.43
N PRO B 261 -15.94 -3.66 -6.04
CA PRO B 261 -15.13 -2.72 -5.27
C PRO B 261 -15.94 -1.97 -4.21
N GLU B 262 -17.23 -1.76 -4.46
CA GLU B 262 -18.07 -0.98 -3.56
C GLU B 262 -18.30 -1.65 -2.20
N ASN B 263 -17.90 -2.90 -2.07
CA ASN B 263 -17.93 -3.54 -0.76
C ASN B 263 -17.08 -2.76 0.26
N LEU B 264 -16.13 -1.99 -0.23
CA LEU B 264 -15.24 -1.24 0.65
C LEU B 264 -15.78 0.16 0.99
N ASP B 265 -16.79 0.61 0.26
CA ASP B 265 -17.36 1.94 0.51
C ASP B 265 -17.91 2.05 1.92
N GLY B 266 -17.48 3.09 2.64
CA GLY B 266 -17.95 3.34 3.99
C GLY B 266 -17.65 2.26 5.01
N ILE B 267 -16.69 1.40 4.70
CA ILE B 267 -16.37 0.30 5.61
C ILE B 267 -15.82 0.84 6.93
N GLU B 268 -15.22 2.04 6.88
CA GLU B 268 -14.63 2.64 8.07
C GLU B 268 -15.68 2.98 9.13
N GLU B 269 -16.95 3.06 8.72
CA GLU B 269 -18.02 3.29 9.69
C GLU B 269 -18.18 2.06 10.58
N TYR B 270 -17.91 0.89 10.02
CA TYR B 270 -18.01 -0.36 10.75
C TYR B 270 -16.67 -0.76 11.37
N VAL B 271 -15.58 -0.27 10.81
CA VAL B 271 -14.24 -0.66 11.24
C VAL B 271 -13.35 0.59 11.30
N PRO B 272 -13.44 1.33 12.41
CA PRO B 272 -12.84 2.68 12.45
C PRO B 272 -11.33 2.69 12.28
N ASN B 273 -10.67 1.66 12.78
CA ASN B 273 -9.22 1.57 12.71
CA ASN B 273 -9.22 1.58 12.70
C ASN B 273 -8.81 0.65 11.56
N ILE B 274 -9.06 1.11 10.34
CA ILE B 274 -8.82 0.30 9.16
C ILE B 274 -7.87 0.99 8.19
N SER B 275 -7.05 0.19 7.53
CA SER B 275 -6.24 0.65 6.41
C SER B 275 -6.65 -0.18 5.20
N VAL B 276 -6.72 0.47 4.04
CA VAL B 276 -7.15 -0.21 2.83
C VAL B 276 -6.11 -0.07 1.72
N HIS B 277 -5.73 -1.19 1.12
CA HIS B 277 -4.81 -1.17 -0.04
C HIS B 277 -5.50 -1.87 -1.19
N ARG B 278 -5.72 -1.14 -2.28
CA ARG B 278 -6.40 -1.70 -3.45
C ARG B 278 -5.42 -1.91 -4.60
N LEU B 279 -5.42 -3.12 -5.17
CA LEU B 279 -4.59 -3.45 -6.32
C LEU B 279 -5.41 -3.37 -7.60
N ALA B 280 -5.06 -2.43 -8.48
CA ALA B 280 -5.80 -2.27 -9.73
C ALA B 280 -5.59 -3.46 -10.66
N GLU B 281 -4.43 -4.11 -10.53
CA GLU B 281 -4.03 -5.16 -11.47
C GLU B 281 -4.17 -6.57 -10.91
N ALA B 282 -4.88 -6.70 -9.80
CA ALA B 282 -5.16 -8.03 -9.23
C ALA B 282 -6.65 -8.32 -9.20
N SER B 283 -6.99 -9.61 -9.24
CA SER B 283 -8.37 -10.05 -9.20
C SER B 283 -8.72 -10.63 -7.83
N HIS B 284 -9.33 -11.80 -7.84
CA HIS B 284 -9.95 -12.36 -6.64
C HIS B 284 -8.98 -12.71 -5.51
N ALA B 285 -7.74 -13.04 -5.86
CA ALA B 285 -6.81 -13.62 -4.89
C ALA B 285 -5.43 -12.97 -4.94
N PRO B 286 -5.33 -11.72 -4.46
CA PRO B 286 -4.08 -10.98 -4.51
C PRO B 286 -2.92 -11.73 -3.84
N GLN B 287 -3.22 -12.51 -2.80
CA GLN B 287 -2.14 -13.10 -2.02
C GLN B 287 -1.23 -13.99 -2.86
N HIS B 288 -1.76 -14.66 -3.88
CA HIS B 288 -0.85 -15.41 -4.75
C HIS B 288 -0.74 -14.88 -6.18
N GLU B 289 -1.57 -13.90 -6.55
CA GLU B 289 -1.43 -13.22 -7.82
C GLU B 289 -0.28 -12.23 -7.78
N LYS B 290 -0.20 -11.47 -6.68
CA LYS B 290 0.82 -10.43 -6.49
C LYS B 290 1.47 -10.58 -5.12
N PRO B 291 2.14 -11.72 -4.87
CA PRO B 291 2.63 -12.01 -3.52
C PRO B 291 3.61 -10.97 -2.96
N GLN B 292 4.51 -10.42 -3.78
CA GLN B 292 5.49 -9.47 -3.26
C GLN B 292 4.83 -8.19 -2.76
N GLU B 293 3.93 -7.64 -3.58
CA GLU B 293 3.22 -6.44 -3.18
C GLU B 293 2.40 -6.68 -1.91
N VAL B 294 1.67 -7.80 -1.91
CA VAL B 294 0.86 -8.16 -0.76
C VAL B 294 1.71 -8.30 0.49
N ASN B 295 2.81 -9.04 0.40
CA ASN B 295 3.70 -9.18 1.55
C ASN B 295 4.23 -7.84 2.07
N ASN B 296 4.58 -6.93 1.15
CA ASN B 296 5.08 -5.61 1.56
C ASN B 296 4.02 -4.85 2.35
N VAL B 297 2.79 -4.88 1.86
CA VAL B 297 1.67 -4.24 2.54
C VAL B 297 1.41 -4.89 3.91
N MET B 298 1.43 -6.21 3.96
CA MET B 298 1.26 -6.90 5.23
C MET B 298 2.32 -6.45 6.24
N TRP B 299 3.58 -6.45 5.84
CA TRP B 299 4.65 -6.02 6.76
C TRP B 299 4.40 -4.59 7.24
N ASN B 300 4.01 -3.73 6.30
CA ASN B 300 3.78 -2.32 6.62
C ASN B 300 2.73 -2.18 7.72
N PHE B 301 1.65 -2.94 7.58
CA PHE B 301 0.56 -2.94 8.56
C PHE B 301 1.01 -3.52 9.91
N LEU B 302 1.71 -4.65 9.84
CA LEU B 302 2.13 -5.32 11.07
C LEU B 302 3.09 -4.45 11.87
N ASN B 303 3.85 -3.61 11.17
CA ASN B 303 4.86 -2.78 11.80
C ASN B 303 4.40 -1.40 12.24
N LYS B 304 3.19 -1.02 11.82
CA LYS B 304 2.59 0.25 12.24
C LYS B 304 2.20 0.23 13.71
C1 EDO C . 19.44 38.90 2.68
O1 EDO C . 18.04 39.10 2.48
C2 EDO C . 20.00 37.95 1.63
O2 EDO C . 20.68 38.69 0.62
C1 PEG D . 8.94 25.17 2.84
O1 PEG D . 8.21 26.16 3.43
C2 PEG D . 8.45 23.77 2.97
O2 PEG D . 8.75 22.86 1.97
C3 PEG D . 10.06 22.63 1.64
C4 PEG D . 10.98 22.19 2.74
O4 PEG D . 12.20 21.67 2.40
C1 PEG E . -19.81 -16.04 2.17
O1 PEG E . -19.11 -15.96 3.35
C2 PEG E . -19.01 -16.10 0.91
O2 PEG E . -19.71 -16.37 -0.25
C3 PEG E . -20.33 -15.34 -0.93
C4 PEG E . -21.81 -15.42 -1.09
O4 PEG E . -22.31 -15.03 -2.31
#